data_2PS0
#
_entry.id   2PS0
#
_cell.length_a   73.438
_cell.length_b   86.266
_cell.length_c   88.147
_cell.angle_alpha   90.00
_cell.angle_beta   90.00
_cell.angle_gamma   90.00
#
_symmetry.space_group_name_H-M   'P 21 21 21'
#
loop_
_entity.id
_entity.type
_entity.pdbx_description
1 polymer 'High-affinity zinc uptake system protein znuA'
2 non-polymer 'ZINC ION'
3 water water
#
_entity_poly.entity_id   1
_entity_poly.type   'polypeptide(L)'
_entity_poly.pdbx_seq_one_letter_code
;AVVASLKPVGFIASAIADGVTETEVLLPDGASEHDYSLRPSDVKRLQNADLVVWVGPEMEAFMQKPVSKLPGAKQVTIAQ
LEDVKPLLMKSIHGDDDDHDHAEKSDEDHHHGDFNMHLWLSPEIARATAVAIHGKLVELMPQSRAKLDANLKDFEAQLAS
TETQVGNELAPLKGKGYFVFHDAYGYFEKQFGLTPLGHFTVNPEIQPGAQRLHEIRTQLVEQKATCVFAEPQFRPAVVES
VARGTSVRMGTLDPLGTNIKLGKTSYSEFLSQLANQYASCLKGD
;
_entity_poly.pdbx_strand_id   A,B
#
loop_
_chem_comp.id
_chem_comp.type
_chem_comp.name
_chem_comp.formula
ZN non-polymer 'ZINC ION' 'Zn 2'
#
# COMPACT_ATOMS: atom_id res chain seq x y z
N ALA A 1 9.33 -4.98 19.41
CA ALA A 1 9.14 -5.85 18.21
C ALA A 1 10.42 -5.95 17.42
N VAL A 2 10.54 -7.02 16.63
CA VAL A 2 11.54 -7.10 15.58
C VAL A 2 10.94 -6.37 14.37
N VAL A 3 11.70 -5.46 13.78
CA VAL A 3 11.21 -4.75 12.62
C VAL A 3 12.03 -5.14 11.38
N ALA A 4 11.34 -5.75 10.41
CA ALA A 4 11.94 -6.25 9.19
C ALA A 4 11.57 -5.32 8.04
N SER A 5 12.51 -5.07 7.13
CA SER A 5 12.29 -4.20 6.00
C SER A 5 11.21 -4.71 5.06
N LEU A 6 11.34 -5.99 4.67
CA LEU A 6 10.50 -6.62 3.62
C LEU A 6 9.80 -7.84 4.18
N LYS A 7 8.62 -8.17 3.63
CA LYS A 7 7.81 -9.24 4.21
C LYS A 7 8.53 -10.60 4.34
N PRO A 8 9.22 -11.08 3.28
CA PRO A 8 9.94 -12.34 3.44
C PRO A 8 11.07 -12.32 4.49
N VAL A 9 11.75 -11.19 4.64
CA VAL A 9 12.67 -11.00 5.77
C VAL A 9 11.90 -11.13 7.10
N GLY A 10 10.70 -10.55 7.13
CA GLY A 10 9.76 -10.69 8.24
C GLY A 10 9.40 -12.15 8.51
N PHE A 11 9.22 -12.94 7.44
CA PHE A 11 8.88 -14.36 7.60
C PHE A 11 9.98 -15.10 8.37
N ILE A 12 11.24 -14.86 8.02
CA ILE A 12 12.38 -15.46 8.72
C ILE A 12 12.44 -15.03 10.19
N ALA A 13 12.29 -13.72 10.42
CA ALA A 13 12.32 -13.18 11.77
C ALA A 13 11.20 -13.77 12.65
N SER A 14 10.02 -13.99 12.05
CA SER A 14 8.84 -14.43 12.81
C SER A 14 8.92 -15.91 13.21
N ALA A 15 9.76 -16.67 12.51
CA ALA A 15 10.09 -18.03 12.92
C ALA A 15 10.89 -18.00 14.23
N ILE A 16 11.84 -17.08 14.31
CA ILE A 16 12.77 -17.02 15.43
C ILE A 16 12.17 -16.26 16.61
N ALA A 17 11.38 -15.23 16.33
CA ALA A 17 10.80 -14.40 17.38
C ALA A 17 9.47 -14.92 17.92
N ASP A 18 8.97 -16.02 17.33
CA ASP A 18 7.68 -16.58 17.72
C ASP A 18 7.60 -16.92 19.22
N GLY A 19 6.59 -16.36 19.88
CA GLY A 19 6.41 -16.53 21.33
C GLY A 19 7.37 -15.71 22.15
N VAL A 20 8.13 -14.83 21.50
CA VAL A 20 9.18 -14.05 22.17
C VAL A 20 8.87 -12.56 22.08
N THR A 21 8.63 -12.12 20.85
CA THR A 21 8.18 -10.75 20.59
C THR A 21 7.44 -10.71 19.23
N GLU A 22 6.85 -9.56 18.91
CA GLU A 22 6.13 -9.36 17.65
C GLU A 22 7.11 -9.09 16.50
N THR A 23 6.69 -9.40 15.29
CA THR A 23 7.42 -9.00 14.10
C THR A 23 6.57 -8.00 13.33
N GLU A 24 7.18 -6.91 12.90
CA GLU A 24 6.52 -5.91 12.06
C GLU A 24 7.30 -5.76 10.76
N VAL A 25 6.60 -5.40 9.68
CA VAL A 25 7.22 -5.26 8.37
C VAL A 25 7.03 -3.82 7.87
N LEU A 26 8.11 -3.19 7.41
CA LEU A 26 8.05 -1.82 6.90
C LEU A 26 7.33 -1.68 5.55
N LEU A 27 7.77 -2.45 4.55
CA LEU A 27 7.25 -2.32 3.19
C LEU A 27 5.85 -2.93 3.07
N PRO A 28 4.84 -2.09 2.78
CA PRO A 28 3.44 -2.56 2.71
C PRO A 28 3.26 -3.57 1.59
N ASP A 29 2.26 -4.45 1.73
CA ASP A 29 1.84 -5.33 0.65
C ASP A 29 1.45 -4.50 -0.57
N GLY A 30 1.95 -4.90 -1.74
CA GLY A 30 1.73 -4.16 -2.97
C GLY A 30 2.89 -3.27 -3.37
N ALA A 31 3.70 -2.85 -2.39
CA ALA A 31 4.82 -1.97 -2.67
C ALA A 31 6.05 -2.74 -3.14
N SER A 32 6.95 -2.04 -3.84
CA SER A 32 8.16 -2.65 -4.37
C SER A 32 9.40 -2.21 -3.58
N GLU A 33 10.30 -3.17 -3.35
CA GLU A 33 11.57 -2.93 -2.67
C GLU A 33 12.44 -1.90 -3.43
N HIS A 34 12.15 -1.70 -4.72
CA HIS A 34 12.92 -0.79 -5.58
C HIS A 34 12.36 0.63 -5.72
N ASP A 35 11.21 0.86 -5.09
CA ASP A 35 10.49 2.12 -5.29
C ASP A 35 9.66 2.46 -4.05
N TYR A 36 10.34 2.79 -2.96
CA TYR A 36 9.65 3.10 -1.72
C TYR A 36 10.36 4.19 -0.91
N SER A 37 9.58 4.97 -0.19
CA SER A 37 10.10 5.94 0.76
C SER A 37 9.40 5.72 2.08
N LEU A 38 10.17 5.77 3.17
CA LEU A 38 9.60 5.55 4.50
C LEU A 38 8.55 6.59 4.85
N ARG A 39 7.48 6.13 5.48
CA ARG A 39 6.50 7.02 6.06
C ARG A 39 7.07 7.59 7.34
N PRO A 40 6.56 8.77 7.78
CA PRO A 40 6.86 9.23 9.13
C PRO A 40 6.67 8.13 10.21
N SER A 41 5.61 7.34 10.12
CA SER A 41 5.39 6.24 11.07
C SER A 41 6.39 5.08 10.95
N ASP A 42 6.77 4.73 9.72
CA ASP A 42 7.81 3.72 9.47
C ASP A 42 9.09 4.06 10.25
N VAL A 43 9.46 5.34 10.23
CA VAL A 43 10.63 5.86 10.94
C VAL A 43 10.57 5.61 12.45
N LYS A 44 9.39 5.83 13.03
CA LYS A 44 9.18 5.67 14.47
C LYS A 44 9.35 4.22 14.90
N ARG A 45 8.80 3.31 14.10
CA ARG A 45 8.95 1.88 14.32
C ARG A 45 10.42 1.46 14.42
N LEU A 46 11.25 2.02 13.55
CA LEU A 46 12.69 1.75 13.51
C LEU A 46 13.40 2.18 14.78
N GLN A 47 13.17 3.42 15.21
CA GLN A 47 13.79 3.92 16.44
C GLN A 47 13.39 3.14 17.69
N ASN A 48 12.18 2.60 17.68
N ASN A 48 12.17 2.60 17.72
CA ASN A 48 11.62 1.87 18.83
CA ASN A 48 11.68 1.86 18.87
C ASN A 48 11.80 0.35 18.76
C ASN A 48 11.72 0.33 18.73
N ALA A 49 12.31 -0.16 17.65
CA ALA A 49 12.48 -1.60 17.43
C ALA A 49 13.43 -2.22 18.43
N ASP A 50 13.16 -3.45 18.86
CA ASP A 50 14.12 -4.22 19.63
C ASP A 50 15.28 -4.63 18.70
N LEU A 51 14.93 -4.90 17.44
CA LEU A 51 15.88 -5.36 16.45
C LEU A 51 15.36 -4.98 15.08
N VAL A 52 16.26 -4.55 14.20
CA VAL A 52 15.91 -4.27 12.82
C VAL A 52 16.63 -5.24 11.93
N VAL A 53 15.89 -5.90 11.05
CA VAL A 53 16.47 -6.83 10.08
C VAL A 53 16.23 -6.31 8.65
N TRP A 54 17.30 -6.22 7.87
CA TRP A 54 17.23 -5.74 6.50
C TRP A 54 18.37 -6.33 5.66
N VAL A 55 18.22 -6.28 4.33
CA VAL A 55 19.24 -6.83 3.45
C VAL A 55 20.49 -5.95 3.48
N GLY A 56 20.32 -4.65 3.25
CA GLY A 56 21.48 -3.75 3.27
C GLY A 56 21.35 -2.63 2.27
N PRO A 57 22.33 -1.68 2.28
CA PRO A 57 22.27 -0.42 1.52
C PRO A 57 22.14 -0.54 0.01
N GLU A 58 22.54 -1.69 -0.54
CA GLU A 58 22.39 -1.93 -1.97
C GLU A 58 21.01 -2.50 -2.30
N MET A 59 20.18 -2.71 -1.28
CA MET A 59 18.83 -3.21 -1.49
C MET A 59 17.82 -2.15 -1.03
N GLU A 60 17.56 -2.06 0.27
CA GLU A 60 16.61 -1.08 0.83
C GLU A 60 17.33 0.22 1.11
N ALA A 61 17.68 0.94 0.06
CA ALA A 61 18.37 2.21 0.20
C ALA A 61 17.55 3.21 1.03
N PHE A 62 16.23 3.10 0.95
CA PHE A 62 15.31 3.93 1.73
C PHE A 62 15.44 3.81 3.27
N MET A 63 16.17 2.80 3.73
CA MET A 63 16.34 2.56 5.16
C MET A 63 17.73 2.83 5.71
N GLN A 64 18.69 3.09 4.83
CA GLN A 64 20.11 3.15 5.19
C GLN A 64 20.37 4.16 6.32
N LYS A 65 19.82 5.37 6.17
CA LYS A 65 20.09 6.47 7.10
C LYS A 65 19.55 6.22 8.52
N PRO A 66 18.25 5.90 8.66
CA PRO A 66 17.76 5.67 10.01
C PRO A 66 18.39 4.44 10.69
N VAL A 67 18.67 3.40 9.91
CA VAL A 67 19.32 2.20 10.44
C VAL A 67 20.77 2.48 10.93
N SER A 68 21.47 3.35 10.21
CA SER A 68 22.86 3.69 10.55
C SER A 68 22.98 4.30 11.96
N LYS A 69 21.89 4.88 12.46
CA LYS A 69 21.84 5.50 13.78
C LYS A 69 21.69 4.50 14.93
N LEU A 70 21.24 3.29 14.62
CA LEU A 70 21.00 2.31 15.68
C LEU A 70 22.29 1.60 16.11
N PRO A 71 22.31 1.05 17.34
CA PRO A 71 23.41 0.21 17.79
C PRO A 71 23.57 -0.99 16.86
N GLY A 72 24.81 -1.41 16.63
CA GLY A 72 25.08 -2.66 15.92
C GLY A 72 24.36 -3.83 16.58
N ALA A 73 24.22 -3.80 17.90
CA ALA A 73 23.57 -4.89 18.64
C ALA A 73 22.05 -4.99 18.36
N LYS A 74 21.49 -3.98 17.71
CA LYS A 74 20.05 -3.92 17.48
C LYS A 74 19.70 -4.01 15.99
N GLN A 75 20.67 -4.45 15.18
CA GLN A 75 20.39 -4.66 13.76
C GLN A 75 21.08 -5.89 13.19
N VAL A 76 20.39 -6.52 12.23
CA VAL A 76 20.97 -7.55 11.36
C VAL A 76 20.96 -7.01 9.93
N THR A 77 22.15 -6.76 9.38
CA THR A 77 22.31 -6.32 8.01
C THR A 77 22.77 -7.54 7.20
N ILE A 78 21.79 -8.20 6.56
CA ILE A 78 21.98 -9.55 5.99
C ILE A 78 23.16 -9.62 5.01
N ALA A 79 23.20 -8.69 4.07
CA ALA A 79 24.24 -8.67 3.02
C ALA A 79 25.66 -8.54 3.59
N GLN A 80 25.76 -8.02 4.81
CA GLN A 80 27.06 -7.79 5.43
C GLN A 80 27.48 -8.89 6.42
N LEU A 81 26.65 -9.92 6.56
CA LEU A 81 27.00 -11.03 7.45
C LEU A 81 28.20 -11.78 6.90
N GLU A 82 29.09 -12.17 7.79
CA GLU A 82 30.27 -12.92 7.41
C GLU A 82 29.95 -14.26 6.72
N ASP A 83 28.89 -14.92 7.17
CA ASP A 83 28.49 -16.16 6.52
C ASP A 83 27.72 -15.94 5.22
N VAL A 84 27.29 -14.70 4.96
CA VAL A 84 26.52 -14.42 3.73
C VAL A 84 27.43 -13.99 2.57
N LYS A 85 28.47 -13.21 2.89
CA LYS A 85 29.34 -12.67 1.85
C LYS A 85 29.89 -13.70 0.85
N PRO A 86 30.38 -14.87 1.34
CA PRO A 86 30.80 -15.94 0.41
C PRO A 86 29.67 -16.57 -0.41
N LEU A 87 28.42 -16.30 -0.03
CA LEU A 87 27.26 -16.86 -0.72
C LEU A 87 26.68 -15.89 -1.76
N LEU A 88 27.19 -14.66 -1.79
CA LEU A 88 26.67 -13.66 -2.73
C LEU A 88 26.95 -14.05 -4.17
N MET A 89 25.96 -13.85 -5.04
CA MET A 89 26.14 -14.14 -6.46
C MET A 89 26.05 -12.88 -7.31
N LYS A 90 26.92 -12.80 -8.32
CA LYS A 90 26.91 -11.71 -9.29
C LYS A 90 25.76 -11.91 -10.26
N SER A 91 25.44 -13.18 -10.54
CA SER A 91 24.27 -13.59 -11.36
C SER A 91 24.10 -12.75 -12.63
N GLY A 112 28.75 -2.22 -8.79
CA GLY A 112 27.96 -3.15 -9.59
C GLY A 112 26.62 -3.45 -8.95
N ASP A 113 26.40 -4.70 -8.51
CA ASP A 113 27.45 -5.69 -8.33
C ASP A 113 26.78 -7.06 -8.13
N PHE A 114 26.71 -7.48 -6.87
CA PHE A 114 26.05 -8.73 -6.50
C PHE A 114 24.53 -8.54 -6.47
N ASN A 115 23.81 -9.60 -6.81
CA ASN A 115 22.36 -9.63 -6.64
C ASN A 115 21.99 -9.60 -5.15
N MET A 116 21.05 -8.74 -4.80
CA MET A 116 20.69 -8.50 -3.40
C MET A 116 19.32 -9.06 -2.98
N HIS A 117 18.76 -9.97 -3.79
CA HIS A 117 17.47 -10.57 -3.42
C HIS A 117 17.73 -11.81 -2.56
N LEU A 118 18.30 -11.55 -1.39
CA LEU A 118 18.93 -12.59 -0.54
C LEU A 118 17.92 -13.49 0.17
N TRP A 119 16.70 -13.01 0.35
CA TRP A 119 15.67 -13.74 1.10
C TRP A 119 15.15 -14.97 0.34
N LEU A 120 15.55 -15.11 -0.93
CA LEU A 120 15.16 -16.28 -1.72
C LEU A 120 16.22 -17.40 -1.73
N SER A 121 17.31 -17.20 -0.97
CA SER A 121 18.32 -18.24 -0.76
C SER A 121 18.10 -18.89 0.61
N PRO A 122 17.71 -20.18 0.64
CA PRO A 122 17.64 -20.96 1.87
C PRO A 122 18.90 -20.88 2.72
N GLU A 123 20.07 -20.98 2.10
CA GLU A 123 21.31 -20.93 2.86
C GLU A 123 21.53 -19.58 3.52
N ILE A 124 21.23 -18.49 2.81
CA ILE A 124 21.31 -17.15 3.41
C ILE A 124 20.21 -16.93 4.48
N ALA A 125 19.03 -17.51 4.25
CA ALA A 125 17.93 -17.47 5.25
C ALA A 125 18.35 -18.17 6.55
N ARG A 126 19.05 -19.29 6.40
CA ARG A 126 19.71 -19.94 7.55
C ARG A 126 20.67 -18.99 8.27
N ALA A 127 21.61 -18.39 7.56
CA ALA A 127 22.54 -17.45 8.19
C ALA A 127 21.79 -16.27 8.84
N THR A 128 20.71 -15.85 8.21
CA THR A 128 19.86 -14.77 8.73
C THR A 128 19.22 -15.18 10.06
N ALA A 129 18.68 -16.41 10.13
CA ALA A 129 18.05 -16.91 11.34
C ALA A 129 19.02 -17.03 12.49
N VAL A 130 20.24 -17.50 12.19
CA VAL A 130 21.30 -17.60 13.19
C VAL A 130 21.64 -16.21 13.76
N ALA A 131 21.81 -15.23 12.88
CA ALA A 131 22.12 -13.84 13.31
C ALA A 131 21.01 -13.26 14.17
N ILE A 132 19.76 -13.48 13.76
CA ILE A 132 18.58 -13.01 14.51
C ILE A 132 18.52 -13.67 15.88
N HIS A 133 18.65 -15.00 15.90
CA HIS A 133 18.72 -15.77 17.15
C HIS A 133 19.79 -15.19 18.07
N GLY A 134 21.00 -15.00 17.53
CA GLY A 134 22.15 -14.51 18.29
C GLY A 134 21.93 -13.15 18.92
N LYS A 135 21.43 -12.20 18.12
CA LYS A 135 21.09 -10.87 18.62
C LYS A 135 19.98 -10.89 19.68
N LEU A 136 18.93 -11.67 19.44
CA LEU A 136 17.79 -11.73 20.37
C LEU A 136 18.11 -12.41 21.71
N VAL A 137 19.02 -13.37 21.70
CA VAL A 137 19.48 -13.98 22.96
C VAL A 137 20.20 -12.93 23.85
N GLU A 138 21.05 -12.10 23.24
N GLU A 138 21.02 -12.09 23.23
CA GLU A 138 21.73 -11.02 23.94
CA GLU A 138 21.75 -11.01 23.91
C GLU A 138 20.73 -10.01 24.51
C GLU A 138 20.84 -9.88 24.40
N LEU A 139 19.78 -9.60 23.67
CA LEU A 139 18.82 -8.56 24.02
C LEU A 139 17.73 -9.03 24.96
N MET A 140 17.37 -10.31 24.83
CA MET A 140 16.25 -10.87 25.59
C MET A 140 16.65 -12.19 26.22
N PRO A 141 17.56 -12.14 27.22
CA PRO A 141 18.05 -13.36 27.88
C PRO A 141 16.95 -14.19 28.57
N GLN A 142 15.81 -13.56 28.85
CA GLN A 142 14.65 -14.25 29.44
C GLN A 142 14.01 -15.31 28.52
N SER A 143 14.30 -15.23 27.22
CA SER A 143 13.66 -16.10 26.23
C SER A 143 14.63 -17.07 25.55
N ARG A 144 15.77 -17.32 26.19
CA ARG A 144 16.85 -18.10 25.57
C ARG A 144 16.41 -19.51 25.15
N ALA A 145 15.69 -20.20 26.03
CA ALA A 145 15.18 -21.54 25.73
C ALA A 145 14.20 -21.55 24.55
N LYS A 146 13.33 -20.54 24.47
CA LYS A 146 12.33 -20.43 23.40
C LYS A 146 13.01 -20.08 22.07
N LEU A 147 13.94 -19.14 22.13
CA LEU A 147 14.74 -18.76 20.97
C LEU A 147 15.52 -19.96 20.43
N ASP A 148 16.11 -20.74 21.34
CA ASP A 148 16.86 -21.95 20.98
C ASP A 148 15.97 -22.97 20.27
N ALA A 149 14.76 -23.17 20.80
CA ALA A 149 13.80 -24.10 20.22
C ALA A 149 13.32 -23.61 18.85
N ASN A 150 13.05 -22.32 18.75
CA ASN A 150 12.60 -21.70 17.51
C ASN A 150 13.61 -21.88 16.38
N LEU A 151 14.89 -21.73 16.69
CA LEU A 151 15.95 -21.94 15.70
C LEU A 151 15.98 -23.40 15.23
N LYS A 152 15.90 -24.35 16.16
CA LYS A 152 15.87 -25.78 15.83
C LYS A 152 14.68 -26.10 14.94
N ASP A 153 13.51 -25.60 15.33
CA ASP A 153 12.25 -25.77 14.60
C ASP A 153 12.30 -25.13 13.21
N PHE A 154 12.99 -23.99 13.10
CA PHE A 154 13.14 -23.32 11.79
C PHE A 154 13.98 -24.15 10.83
N GLU A 155 15.12 -24.64 11.30
CA GLU A 155 16.00 -25.46 10.47
C GLU A 155 15.32 -26.71 9.97
N ALA A 156 14.59 -27.39 10.86
CA ALA A 156 13.83 -28.60 10.52
C ALA A 156 12.76 -28.34 9.46
N GLN A 157 11.97 -27.29 9.65
CA GLN A 157 10.97 -26.92 8.65
C GLN A 157 11.59 -26.51 7.31
N LEU A 158 12.67 -25.73 7.36
CA LEU A 158 13.36 -25.33 6.13
C LEU A 158 13.94 -26.53 5.38
N ALA A 159 14.65 -27.40 6.09
CA ALA A 159 15.21 -28.61 5.45
C ALA A 159 14.13 -29.46 4.75
N SER A 160 12.98 -29.65 5.42
CA SER A 160 11.85 -30.35 4.80
C SER A 160 11.32 -29.61 3.56
N THR A 161 11.19 -28.29 3.67
CA THR A 161 10.70 -27.47 2.56
C THR A 161 11.64 -27.53 1.34
N GLU A 162 12.95 -27.49 1.60
CA GLU A 162 13.95 -27.62 0.54
C GLU A 162 13.82 -28.94 -0.20
N THR A 163 13.60 -30.02 0.56
CA THR A 163 13.38 -31.35 -0.03
C THR A 163 12.12 -31.33 -0.90
N GLN A 164 11.04 -30.76 -0.37
CA GLN A 164 9.76 -30.68 -1.06
C GLN A 164 9.81 -29.87 -2.35
N VAL A 165 10.37 -28.66 -2.24
CA VAL A 165 10.50 -27.73 -3.37
C VAL A 165 11.40 -28.31 -4.45
N GLY A 166 12.52 -28.90 -4.03
CA GLY A 166 13.46 -29.57 -4.94
C GLY A 166 12.76 -30.65 -5.77
N ASN A 167 11.89 -31.41 -5.13
CA ASN A 167 11.10 -32.42 -5.83
C ASN A 167 10.07 -31.83 -6.81
N GLU A 168 9.29 -30.86 -6.33
CA GLU A 168 8.29 -30.16 -7.13
C GLU A 168 8.87 -29.54 -8.41
N LEU A 169 10.11 -29.07 -8.33
CA LEU A 169 10.73 -28.31 -9.43
C LEU A 169 11.63 -29.13 -10.36
N ALA A 170 12.04 -30.32 -9.90
CA ALA A 170 12.91 -31.20 -10.67
C ALA A 170 12.46 -31.41 -12.11
N PRO A 171 11.19 -31.80 -12.35
CA PRO A 171 10.75 -31.98 -13.74
C PRO A 171 10.82 -30.71 -14.61
N LEU A 172 10.93 -29.55 -13.97
CA LEU A 172 10.88 -28.27 -14.66
C LEU A 172 12.26 -27.78 -15.09
N LYS A 173 13.31 -28.37 -14.54
CA LYS A 173 14.68 -28.03 -14.91
C LYS A 173 14.85 -28.12 -16.42
N GLY A 174 15.44 -27.09 -17.03
CA GLY A 174 15.67 -27.11 -18.47
C GLY A 174 14.64 -26.36 -19.29
N LYS A 175 13.48 -26.07 -18.71
CA LYS A 175 12.46 -25.26 -19.39
C LYS A 175 12.80 -23.79 -19.27
N GLY A 176 12.76 -23.10 -20.41
CA GLY A 176 13.05 -21.68 -20.47
C GLY A 176 11.81 -20.86 -20.17
N TYR A 177 12.04 -19.70 -19.57
CA TYR A 177 10.99 -18.76 -19.29
C TYR A 177 11.64 -17.42 -19.00
N PHE A 178 10.85 -16.36 -19.03
CA PHE A 178 11.29 -15.04 -18.61
C PHE A 178 10.52 -14.61 -17.38
N VAL A 179 11.19 -13.89 -16.50
CA VAL A 179 10.55 -13.32 -15.31
C VAL A 179 10.49 -11.82 -15.49
N PHE A 180 9.66 -11.15 -14.72
CA PHE A 180 9.49 -9.71 -14.89
C PHE A 180 10.73 -8.94 -14.48
N HIS A 181 11.19 -9.12 -13.23
CA HIS A 181 12.44 -8.51 -12.82
C HIS A 181 13.41 -9.50 -12.16
N ASP A 182 14.69 -9.13 -12.15
CA ASP A 182 15.79 -10.01 -11.80
C ASP A 182 15.86 -10.29 -10.28
N ALA A 183 14.85 -10.98 -9.75
CA ALA A 183 14.72 -11.16 -8.31
C ALA A 183 14.97 -12.59 -7.81
N TYR A 184 15.06 -13.55 -8.73
CA TYR A 184 14.85 -14.96 -8.36
C TYR A 184 16.09 -15.86 -8.41
N GLY A 185 17.22 -15.28 -8.81
CA GLY A 185 18.46 -16.04 -9.07
C GLY A 185 18.95 -16.99 -7.99
N TYR A 186 18.89 -16.58 -6.72
CA TYR A 186 19.31 -17.45 -5.61
C TYR A 186 18.44 -18.71 -5.50
N PHE A 187 17.12 -18.52 -5.64
CA PHE A 187 16.15 -19.60 -5.61
C PHE A 187 16.34 -20.52 -6.84
N GLU A 188 16.47 -19.90 -8.01
CA GLU A 188 16.59 -20.67 -9.24
C GLU A 188 17.88 -21.50 -9.27
N LYS A 189 18.97 -20.91 -8.78
CA LYS A 189 20.26 -21.60 -8.73
C LYS A 189 20.21 -22.77 -7.74
N GLN A 190 19.59 -22.53 -6.59
CA GLN A 190 19.42 -23.56 -5.57
C GLN A 190 18.68 -24.79 -6.11
N PHE A 191 17.60 -24.56 -6.86
CA PHE A 191 16.71 -25.66 -7.27
C PHE A 191 16.77 -26.11 -8.74
N GLY A 192 17.72 -25.54 -9.49
CA GLY A 192 18.02 -26.01 -10.85
C GLY A 192 17.11 -25.46 -11.94
N LEU A 193 16.36 -24.40 -11.63
CA LEU A 193 15.55 -23.73 -12.63
C LEU A 193 16.43 -22.99 -13.63
N THR A 194 15.98 -22.91 -14.88
CA THR A 194 16.80 -22.38 -15.95
C THR A 194 16.11 -21.23 -16.69
N PRO A 195 16.11 -20.02 -16.10
CA PRO A 195 15.49 -18.85 -16.73
C PRO A 195 16.24 -18.42 -17.97
N LEU A 196 15.51 -18.02 -19.00
CA LEU A 196 16.12 -17.42 -20.20
C LEU A 196 16.57 -15.99 -19.91
N GLY A 197 15.87 -15.33 -19.00
CA GLY A 197 16.19 -13.98 -18.62
C GLY A 197 15.03 -13.25 -17.96
N HIS A 198 15.18 -11.93 -17.87
CA HIS A 198 14.20 -11.06 -17.22
C HIS A 198 13.85 -9.88 -18.12
N PHE A 199 12.62 -9.37 -17.96
CA PHE A 199 12.16 -8.18 -18.70
C PHE A 199 12.95 -6.94 -18.27
N THR A 200 13.03 -6.74 -16.95
CA THR A 200 13.66 -5.57 -16.36
C THR A 200 14.68 -5.98 -15.29
N VAL A 201 15.66 -5.13 -15.03
CA VAL A 201 16.49 -5.28 -13.83
C VAL A 201 15.76 -4.53 -12.73
N ASN A 202 15.58 -3.23 -12.95
CA ASN A 202 14.74 -2.40 -12.12
CA ASN A 202 14.74 -2.38 -12.13
C ASN A 202 13.34 -2.33 -12.72
N PRO A 203 12.34 -2.91 -12.02
CA PRO A 203 10.97 -3.03 -12.54
C PRO A 203 10.18 -1.73 -12.71
N GLU A 204 10.76 -0.60 -12.31
CA GLU A 204 10.12 0.69 -12.54
C GLU A 204 10.48 1.25 -13.91
N ILE A 205 11.73 1.07 -14.33
CA ILE A 205 12.13 1.46 -15.68
C ILE A 205 11.53 0.47 -16.69
N GLN A 206 10.33 0.84 -17.18
CA GLN A 206 9.61 0.06 -18.17
C GLN A 206 10.46 -0.26 -19.39
N PRO A 207 10.45 -1.53 -19.86
CA PRO A 207 11.30 -1.91 -20.98
C PRO A 207 10.78 -1.36 -22.30
N GLY A 208 11.71 -0.91 -23.14
CA GLY A 208 11.35 -0.37 -24.46
C GLY A 208 11.03 -1.46 -25.46
N ALA A 209 10.55 -1.07 -26.63
CA ALA A 209 10.17 -2.01 -27.68
C ALA A 209 11.35 -2.84 -28.21
N GLN A 210 12.56 -2.33 -28.01
CA GLN A 210 13.80 -2.82 -28.65
C GLN A 210 13.99 -4.32 -28.95
N ARG A 211 14.04 -5.28 -28.00
CA ARG A 211 13.97 -5.29 -26.51
C ARG A 211 12.78 -6.13 -25.99
N LEU A 212 11.57 -5.60 -26.08
CA LEU A 212 10.39 -6.46 -26.01
C LEU A 212 10.40 -7.39 -27.21
N HIS A 213 10.95 -6.91 -28.33
CA HIS A 213 11.11 -7.71 -29.53
C HIS A 213 12.17 -8.79 -29.34
N GLU A 214 13.29 -8.43 -28.72
CA GLU A 214 14.35 -9.38 -28.40
C GLU A 214 13.81 -10.51 -27.52
N ILE A 215 13.04 -10.14 -26.49
CA ILE A 215 12.43 -11.13 -25.60
C ILE A 215 11.52 -12.09 -26.35
N ARG A 216 10.60 -11.58 -27.17
CA ARG A 216 9.72 -12.48 -27.91
C ARG A 216 10.41 -13.34 -28.97
N THR A 217 11.47 -12.80 -29.59
CA THR A 217 12.31 -13.59 -30.50
C THR A 217 12.94 -14.75 -29.73
N GLN A 218 13.53 -14.47 -28.57
CA GLN A 218 14.07 -15.51 -27.67
C GLN A 218 13.01 -16.56 -27.33
N LEU A 219 11.82 -16.09 -26.94
CA LEU A 219 10.69 -16.94 -26.61
C LEU A 219 10.42 -18.00 -27.65
N VAL A 220 10.28 -17.54 -28.90
CA VAL A 220 9.96 -18.43 -30.02
C VAL A 220 11.16 -19.30 -30.36
N GLU A 221 12.30 -18.65 -30.62
CA GLU A 221 13.51 -19.35 -31.08
C GLU A 221 14.02 -20.40 -30.09
N GLN A 222 14.13 -20.01 -28.81
CA GLN A 222 14.59 -20.93 -27.76
C GLN A 222 13.46 -21.80 -27.18
N LYS A 223 12.25 -21.66 -27.73
CA LYS A 223 11.08 -22.49 -27.39
C LYS A 223 10.71 -22.42 -25.90
N ALA A 224 10.52 -21.20 -25.39
CA ALA A 224 10.19 -20.98 -23.99
C ALA A 224 8.78 -21.48 -23.64
N THR A 225 8.60 -21.89 -22.40
CA THR A 225 7.32 -22.36 -21.90
C THR A 225 6.48 -21.23 -21.29
N CYS A 226 7.12 -20.35 -20.52
CA CYS A 226 6.40 -19.33 -19.75
C CYS A 226 7.01 -17.94 -19.77
N VAL A 227 6.16 -16.95 -19.54
CA VAL A 227 6.57 -15.61 -19.13
C VAL A 227 5.83 -15.31 -17.84
N PHE A 228 6.49 -14.61 -16.91
CA PHE A 228 5.92 -14.37 -15.59
C PHE A 228 5.76 -12.88 -15.29
N ALA A 229 4.55 -12.50 -14.88
CA ALA A 229 4.27 -11.20 -14.29
C ALA A 229 4.55 -11.23 -12.79
N GLU A 230 4.31 -10.09 -12.13
CA GLU A 230 4.46 -9.92 -10.68
C GLU A 230 3.31 -9.02 -10.20
N PRO A 231 2.72 -9.34 -9.03
CA PRO A 231 1.54 -8.56 -8.59
C PRO A 231 1.82 -7.08 -8.27
N GLN A 232 3.09 -6.73 -8.05
CA GLN A 232 3.47 -5.37 -7.72
C GLN A 232 3.48 -4.46 -8.95
N PHE A 233 3.38 -5.05 -10.14
CA PHE A 233 3.49 -4.32 -11.39
C PHE A 233 2.41 -4.71 -12.39
N ARG A 234 1.89 -3.73 -13.14
CA ARG A 234 0.90 -4.01 -14.17
C ARG A 234 1.47 -4.98 -15.22
N PRO A 235 0.73 -6.05 -15.52
CA PRO A 235 1.28 -7.09 -16.41
C PRO A 235 1.26 -6.83 -17.93
N ALA A 236 0.94 -5.60 -18.35
CA ALA A 236 0.70 -5.30 -19.78
C ALA A 236 1.85 -5.72 -20.72
N VAL A 237 3.08 -5.37 -20.35
CA VAL A 237 4.22 -5.70 -21.21
C VAL A 237 4.48 -7.20 -21.29
N VAL A 238 4.07 -7.94 -20.26
CA VAL A 238 4.21 -9.40 -20.23
C VAL A 238 3.19 -10.03 -21.16
N GLU A 239 1.94 -9.58 -21.04
CA GLU A 239 0.86 -10.01 -21.91
C GLU A 239 1.16 -9.67 -23.37
N SER A 240 1.78 -8.50 -23.59
CA SER A 240 2.12 -8.05 -24.94
C SER A 240 3.14 -8.98 -25.58
N VAL A 241 4.14 -9.37 -24.81
CA VAL A 241 5.20 -10.26 -25.26
C VAL A 241 4.65 -11.65 -25.65
N ALA A 242 3.72 -12.16 -24.84
CA ALA A 242 3.18 -13.51 -25.02
C ALA A 242 2.20 -13.58 -26.20
N ARG A 243 1.61 -12.43 -26.52
CA ARG A 243 0.61 -12.30 -27.58
C ARG A 243 1.11 -12.85 -28.92
N GLY A 244 0.30 -13.72 -29.52
CA GLY A 244 0.62 -14.32 -30.82
C GLY A 244 1.60 -15.48 -30.74
N THR A 245 1.91 -15.94 -29.53
CA THR A 245 2.79 -17.09 -29.35
C THR A 245 2.09 -18.22 -28.59
N SER A 246 2.81 -19.31 -28.34
CA SER A 246 2.27 -20.42 -27.56
C SER A 246 2.75 -20.39 -26.10
N VAL A 247 3.42 -19.29 -25.73
CA VAL A 247 3.98 -19.14 -24.39
C VAL A 247 2.88 -18.89 -23.37
N ARG A 248 2.87 -19.66 -22.29
CA ARG A 248 1.89 -19.47 -21.23
C ARG A 248 2.27 -18.30 -20.31
N MET A 249 1.28 -17.75 -19.62
CA MET A 249 1.52 -16.62 -18.72
C MET A 249 1.25 -17.00 -17.28
N GLY A 250 2.17 -16.63 -16.40
CA GLY A 250 1.98 -16.86 -14.97
C GLY A 250 2.36 -15.63 -14.17
N THR A 251 2.39 -15.80 -12.85
CA THR A 251 2.77 -14.73 -11.94
C THR A 251 3.62 -15.28 -10.80
N LEU A 252 4.72 -14.59 -10.53
CA LEU A 252 5.56 -14.88 -9.37
C LEU A 252 5.52 -13.71 -8.40
N ASP A 253 5.55 -14.00 -7.11
CA ASP A 253 5.57 -12.94 -6.11
C ASP A 253 6.77 -13.11 -5.19
N PRO A 254 7.83 -12.31 -5.42
CA PRO A 254 9.08 -12.44 -4.67
C PRO A 254 8.94 -11.87 -3.24
N LEU A 255 7.79 -11.27 -2.95
CA LEU A 255 7.53 -10.64 -1.65
C LEU A 255 6.45 -11.35 -0.79
N GLY A 256 5.89 -12.45 -1.31
CA GLY A 256 4.94 -13.27 -0.55
C GLY A 256 3.76 -12.55 0.07
N THR A 257 3.17 -11.61 -0.66
CA THR A 257 2.14 -10.71 -0.13
C THR A 257 0.96 -11.39 0.54
N ASN A 258 0.55 -12.54 0.02
CA ASN A 258 -0.66 -13.19 0.54
C ASN A 258 -0.39 -14.12 1.73
N ILE A 259 0.88 -14.27 2.10
CA ILE A 259 1.24 -15.08 3.26
C ILE A 259 1.30 -14.20 4.50
N LYS A 260 0.68 -14.65 5.58
CA LYS A 260 0.74 -13.93 6.86
C LYS A 260 1.99 -14.31 7.64
N LEU A 261 2.58 -13.32 8.30
CA LEU A 261 3.68 -13.56 9.26
C LEU A 261 3.31 -14.66 10.25
N GLY A 262 4.29 -15.43 10.67
CA GLY A 262 4.06 -16.49 11.63
C GLY A 262 5.16 -17.52 11.54
N LYS A 263 5.14 -18.45 12.49
CA LYS A 263 6.20 -19.45 12.66
C LYS A 263 6.62 -20.22 11.39
N THR A 264 5.65 -20.66 10.60
CA THR A 264 5.97 -21.46 9.41
C THR A 264 5.86 -20.67 8.09
N SER A 265 5.76 -19.34 8.18
CA SER A 265 5.54 -18.49 7.01
C SER A 265 6.68 -18.48 5.98
N TYR A 266 7.92 -18.61 6.42
CA TYR A 266 9.02 -18.66 5.45
C TYR A 266 8.95 -19.94 4.58
N SER A 267 8.74 -21.09 5.21
CA SER A 267 8.49 -22.34 4.49
C SER A 267 7.29 -22.24 3.55
N GLU A 268 6.17 -21.72 4.06
CA GLU A 268 5.00 -21.48 3.21
C GLU A 268 5.35 -20.61 2.02
N PHE A 269 6.13 -19.56 2.26
CA PHE A 269 6.58 -18.66 1.19
C PHE A 269 7.34 -19.40 0.08
N LEU A 270 8.37 -20.16 0.46
CA LEU A 270 9.15 -20.89 -0.54
C LEU A 270 8.30 -21.89 -1.32
N SER A 271 7.38 -22.54 -0.62
CA SER A 271 6.46 -23.51 -1.25
C SER A 271 5.49 -22.85 -2.21
N GLN A 272 4.96 -21.68 -1.84
CA GLN A 272 4.09 -20.91 -2.70
C GLN A 272 4.80 -20.46 -3.98
N LEU A 273 6.01 -19.94 -3.83
CA LEU A 273 6.79 -19.52 -5.00
C LEU A 273 7.06 -20.70 -5.95
N ALA A 274 7.48 -21.84 -5.40
CA ALA A 274 7.65 -23.07 -6.18
C ALA A 274 6.35 -23.46 -6.93
N ASN A 275 5.22 -23.40 -6.24
CA ASN A 275 3.92 -23.71 -6.84
C ASN A 275 3.55 -22.73 -7.96
N GLN A 276 3.93 -21.45 -7.79
CA GLN A 276 3.73 -20.44 -8.83
C GLN A 276 4.54 -20.72 -10.10
N TYR A 277 5.80 -21.14 -9.94
CA TYR A 277 6.60 -21.59 -11.08
C TYR A 277 5.94 -22.79 -11.77
N ALA A 278 5.63 -23.82 -10.98
CA ALA A 278 5.11 -25.11 -11.48
C ALA A 278 3.74 -24.98 -12.12
N SER A 279 2.87 -24.16 -11.54
CA SER A 279 1.55 -23.82 -12.10
C SER A 279 1.63 -23.47 -13.61
N CYS A 280 2.60 -22.65 -13.98
CA CYS A 280 2.78 -22.26 -15.39
C CYS A 280 3.64 -23.27 -16.15
N LEU A 281 4.77 -23.66 -15.57
CA LEU A 281 5.78 -24.47 -16.26
C LEU A 281 5.37 -25.94 -16.48
N LYS A 282 4.42 -26.43 -15.67
CA LYS A 282 3.91 -27.80 -15.83
C LYS A 282 3.17 -28.01 -17.14
N GLY A 283 3.13 -29.26 -17.58
CA GLY A 283 2.49 -29.60 -18.85
C GLY A 283 3.48 -29.37 -19.96
N ASP A 284 4.32 -30.38 -20.18
CA ASP A 284 5.40 -30.27 -21.14
C ASP A 284 4.90 -30.59 -22.55
N ALA B 1 -2.85 9.50 -16.84
CA ALA B 1 -2.97 10.81 -17.56
C ALA B 1 -3.37 11.93 -16.59
N VAL B 2 -4.54 11.80 -15.97
CA VAL B 2 -4.88 12.64 -14.81
C VAL B 2 -4.40 11.93 -13.56
N VAL B 3 -3.56 12.60 -12.79
CA VAL B 3 -3.03 12.03 -11.55
C VAL B 3 -3.64 12.77 -10.35
N ALA B 4 -4.37 12.01 -9.52
CA ALA B 4 -5.03 12.57 -8.36
C ALA B 4 -4.31 12.10 -7.09
N SER B 5 -4.23 12.97 -6.10
CA SER B 5 -3.51 12.68 -4.86
C SER B 5 -4.12 11.52 -4.08
N LEU B 6 -5.41 11.61 -3.82
CA LEU B 6 -6.12 10.70 -2.92
C LEU B 6 -7.23 10.06 -3.69
N LYS B 7 -7.66 8.87 -3.29
CA LYS B 7 -8.66 8.14 -4.04
C LYS B 7 -10.00 8.87 -4.30
N PRO B 8 -10.63 9.45 -3.25
CA PRO B 8 -11.87 10.19 -3.55
C PRO B 8 -11.70 11.40 -4.48
N VAL B 9 -10.53 12.01 -4.50
CA VAL B 9 -10.22 13.05 -5.50
C VAL B 9 -10.15 12.40 -6.90
N GLY B 10 -9.59 11.19 -6.95
CA GLY B 10 -9.60 10.36 -8.15
C GLY B 10 -10.99 10.01 -8.65
N PHE B 11 -11.91 9.73 -7.72
CA PHE B 11 -13.30 9.44 -8.07
C PHE B 11 -13.91 10.59 -8.89
N ILE B 12 -13.66 11.82 -8.44
CA ILE B 12 -14.19 13.02 -9.11
C ILE B 12 -13.57 13.19 -10.49
N ALA B 13 -12.24 13.11 -10.58
CA ALA B 13 -11.53 13.23 -11.85
C ALA B 13 -11.93 12.15 -12.84
N SER B 14 -12.18 10.93 -12.34
CA SER B 14 -12.53 9.80 -13.19
C SER B 14 -13.90 9.97 -13.84
N ALA B 15 -14.79 10.69 -13.15
CA ALA B 15 -16.10 11.04 -13.69
C ALA B 15 -15.99 11.99 -14.88
N ILE B 16 -15.04 12.92 -14.81
CA ILE B 16 -14.84 13.94 -15.83
C ILE B 16 -13.95 13.48 -16.99
N ALA B 17 -12.94 12.67 -16.69
CA ALA B 17 -11.99 12.21 -17.71
C ALA B 17 -12.42 10.90 -18.40
N ASP B 18 -13.58 10.38 -18.03
CA ASP B 18 -14.09 9.11 -18.56
C ASP B 18 -14.29 9.13 -20.09
N GLY B 19 -13.65 8.20 -20.78
CA GLY B 19 -13.72 8.12 -22.25
C GLY B 19 -12.73 9.02 -22.96
N VAL B 20 -11.94 9.75 -22.17
CA VAL B 20 -11.05 10.79 -22.68
C VAL B 20 -9.63 10.43 -22.28
N THR B 21 -9.45 10.06 -21.02
CA THR B 21 -8.13 9.70 -20.52
C THR B 21 -8.22 8.91 -19.21
N GLU B 22 -7.11 8.31 -18.82
CA GLU B 22 -7.06 7.48 -17.61
C GLU B 22 -6.86 8.36 -16.37
N THR B 23 -7.35 7.88 -15.23
CA THR B 23 -7.09 8.52 -13.94
C THR B 23 -6.25 7.59 -13.07
N GLU B 24 -5.15 8.11 -12.54
CA GLU B 24 -4.33 7.41 -11.55
C GLU B 24 -4.44 8.09 -10.18
N VAL B 25 -4.27 7.30 -9.13
CA VAL B 25 -4.24 7.83 -7.75
C VAL B 25 -2.88 7.52 -7.12
N LEU B 26 -2.28 8.53 -6.49
CA LEU B 26 -0.99 8.41 -5.83
C LEU B 26 -1.01 7.60 -4.54
N LEU B 27 -1.86 7.97 -3.58
CA LEU B 27 -1.91 7.31 -2.27
C LEU B 27 -2.50 5.91 -2.43
N PRO B 28 -1.72 4.85 -2.12
CA PRO B 28 -2.26 3.50 -2.27
C PRO B 28 -3.42 3.22 -1.31
N ASP B 29 -4.25 2.22 -1.66
CA ASP B 29 -5.26 1.72 -0.75
C ASP B 29 -4.60 1.29 0.56
N GLY B 30 -5.21 1.67 1.69
CA GLY B 30 -4.69 1.34 3.01
C GLY B 30 -3.78 2.38 3.65
N ALA B 31 -3.23 3.28 2.82
CA ALA B 31 -2.36 4.36 3.31
C ALA B 31 -3.19 5.54 3.80
N SER B 32 -2.60 6.34 4.68
CA SER B 32 -3.28 7.51 5.23
C SER B 32 -2.74 8.81 4.64
N GLU B 33 -3.63 9.77 4.40
CA GLU B 33 -3.24 11.10 3.93
C GLU B 33 -2.29 11.81 4.92
N HIS B 34 -2.24 11.31 6.15
CA HIS B 34 -1.49 11.96 7.22
C HIS B 34 -0.11 11.34 7.47
N ASP B 35 0.15 10.21 6.82
CA ASP B 35 1.35 9.41 7.10
C ASP B 35 1.85 8.82 5.78
N TYR B 36 2.37 9.69 4.91
CA TYR B 36 2.82 9.23 3.61
C TYR B 36 4.04 9.99 3.08
N SER B 37 4.87 9.28 2.32
CA SER B 37 5.96 9.86 1.57
C SER B 37 5.89 9.34 0.14
N LEU B 38 6.04 10.22 -0.84
CA LEU B 38 6.00 9.84 -2.23
C LEU B 38 7.06 8.80 -2.58
N ARG B 39 6.69 7.85 -3.44
CA ARG B 39 7.64 6.93 -4.05
C ARG B 39 8.55 7.74 -4.96
N PRO B 40 9.84 7.36 -5.08
CA PRO B 40 10.75 8.11 -5.96
C PRO B 40 10.22 8.24 -7.38
N SER B 41 9.40 7.27 -7.80
CA SER B 41 8.83 7.26 -9.14
C SER B 41 7.62 8.19 -9.31
N ASP B 42 7.08 8.66 -8.20
CA ASP B 42 5.87 9.50 -8.21
C ASP B 42 6.11 10.85 -8.84
N VAL B 43 7.34 11.33 -8.73
CA VAL B 43 7.70 12.57 -9.36
C VAL B 43 7.54 12.44 -10.88
N LYS B 44 7.97 11.31 -11.44
CA LYS B 44 7.79 11.01 -12.87
C LYS B 44 6.31 10.96 -13.22
N ARG B 45 5.51 10.31 -12.38
CA ARG B 45 4.06 10.25 -12.57
C ARG B 45 3.43 11.64 -12.64
N LEU B 46 3.89 12.51 -11.76
CA LEU B 46 3.42 13.90 -11.69
C LEU B 46 3.93 14.70 -12.88
N GLN B 47 5.21 14.51 -13.21
CA GLN B 47 5.84 15.16 -14.36
C GLN B 47 5.18 14.79 -15.69
N ASN B 48 4.84 13.52 -15.85
CA ASN B 48 4.25 13.02 -17.09
C ASN B 48 2.73 13.18 -17.13
N ALA B 49 2.15 13.61 -16.02
CA ALA B 49 0.69 13.75 -15.92
C ALA B 49 0.21 14.85 -16.86
N ASP B 50 -0.91 14.60 -17.52
CA ASP B 50 -1.64 15.64 -18.26
C ASP B 50 -2.19 16.67 -17.28
N LEU B 51 -2.65 16.19 -16.13
CA LEU B 51 -3.23 17.04 -15.09
C LEU B 51 -3.05 16.42 -13.71
N VAL B 52 -2.62 17.24 -12.75
CA VAL B 52 -2.53 16.83 -11.34
C VAL B 52 -3.65 17.50 -10.55
N VAL B 53 -4.42 16.70 -9.82
CA VAL B 53 -5.47 17.19 -8.93
C VAL B 53 -5.15 16.79 -7.47
N TRP B 54 -5.20 17.77 -6.58
CA TRP B 54 -4.89 17.54 -5.17
C TRP B 54 -5.59 18.61 -4.33
N VAL B 55 -5.70 18.36 -3.03
CA VAL B 55 -6.31 19.35 -2.13
C VAL B 55 -5.41 20.59 -1.99
N GLY B 56 -4.21 20.38 -1.49
CA GLY B 56 -3.26 21.45 -1.36
C GLY B 56 -2.26 21.29 -0.23
N PRO B 57 -1.36 22.28 -0.09
CA PRO B 57 -0.22 22.20 0.83
C PRO B 57 -0.57 21.88 2.28
N GLU B 58 -1.76 22.29 2.74
CA GLU B 58 -2.19 22.01 4.11
C GLU B 58 -2.76 20.60 4.30
N MET B 59 -2.85 19.85 3.20
CA MET B 59 -3.34 18.49 3.26
C MET B 59 -2.21 17.53 2.85
N GLU B 60 -1.99 17.36 1.54
CA GLU B 60 -0.93 16.51 1.02
C GLU B 60 0.40 17.25 1.00
N ALA B 61 0.88 17.59 2.19
CA ALA B 61 2.16 18.25 2.34
C ALA B 61 3.29 17.47 1.63
N PHE B 62 3.14 16.15 1.56
CA PHE B 62 4.10 15.26 0.93
C PHE B 62 4.27 15.45 -0.58
N MET B 63 3.40 16.25 -1.18
CA MET B 63 3.37 16.50 -2.61
C MET B 63 3.63 17.94 -2.96
N GLN B 64 3.64 18.82 -1.97
N GLN B 64 3.65 18.80 -1.95
CA GLN B 64 3.68 20.26 -2.22
CA GLN B 64 3.72 20.25 -2.13
C GLN B 64 4.91 20.69 -3.03
C GLN B 64 4.90 20.67 -3.01
N LYS B 65 6.06 20.10 -2.72
CA LYS B 65 7.32 20.48 -3.38
C LYS B 65 7.38 20.12 -4.87
N PRO B 66 7.20 18.83 -5.25
CA PRO B 66 7.13 18.52 -6.69
C PRO B 66 6.03 19.26 -7.45
N VAL B 67 4.85 19.41 -6.84
CA VAL B 67 3.71 20.05 -7.51
C VAL B 67 3.91 21.56 -7.76
N SER B 68 4.66 22.21 -6.88
CA SER B 68 4.92 23.65 -6.99
C SER B 68 5.74 23.96 -8.24
N LYS B 69 6.42 22.93 -8.75
CA LYS B 69 7.25 23.01 -9.96
C LYS B 69 6.44 22.87 -11.24
N LEU B 70 5.21 22.40 -11.13
CA LEU B 70 4.35 22.18 -12.28
C LEU B 70 3.52 23.43 -12.57
N PRO B 71 3.29 23.72 -13.86
CA PRO B 71 2.49 24.87 -14.25
C PRO B 71 1.11 24.83 -13.61
N GLY B 72 0.63 25.99 -13.14
CA GLY B 72 -0.76 26.16 -12.71
C GLY B 72 -1.69 25.65 -13.78
N ALA B 73 -1.29 25.82 -15.03
CA ALA B 73 -2.01 25.26 -16.18
C ALA B 73 -2.21 23.73 -16.14
N LYS B 74 -1.37 23.02 -15.41
CA LYS B 74 -1.44 21.54 -15.44
C LYS B 74 -1.86 20.91 -14.12
N GLN B 75 -2.49 21.72 -13.27
CA GLN B 75 -2.91 21.27 -11.96
C GLN B 75 -4.17 21.98 -11.47
N VAL B 76 -4.97 21.25 -10.71
CA VAL B 76 -6.11 21.77 -9.93
C VAL B 76 -5.76 21.63 -8.44
N THR B 77 -5.68 22.77 -7.75
CA THR B 77 -5.38 22.80 -6.33
C THR B 77 -6.69 23.20 -5.66
N ILE B 78 -7.40 22.20 -5.16
CA ILE B 78 -8.79 22.36 -4.71
C ILE B 78 -8.98 23.44 -3.64
N ALA B 79 -8.20 23.37 -2.56
CA ALA B 79 -8.27 24.31 -1.44
C ALA B 79 -8.03 25.77 -1.84
N GLN B 80 -7.39 25.98 -2.99
CA GLN B 80 -7.06 27.34 -3.46
C GLN B 80 -7.99 27.87 -4.55
N LEU B 81 -8.96 27.07 -4.97
CA LEU B 81 -9.92 27.54 -5.97
C LEU B 81 -10.82 28.63 -5.41
N GLU B 82 -11.20 29.58 -6.26
CA GLU B 82 -11.97 30.75 -5.84
C GLU B 82 -13.35 30.40 -5.28
N ASP B 83 -14.00 29.40 -5.87
CA ASP B 83 -15.29 28.93 -5.39
C ASP B 83 -15.19 28.05 -4.14
N VAL B 84 -13.98 27.65 -3.78
CA VAL B 84 -13.79 26.76 -2.63
C VAL B 84 -13.46 27.51 -1.34
N LYS B 85 -12.59 28.51 -1.44
CA LYS B 85 -12.16 29.29 -0.27
C LYS B 85 -13.32 29.75 0.65
N PRO B 86 -14.41 30.32 0.09
CA PRO B 86 -15.54 30.70 0.96
C PRO B 86 -16.27 29.52 1.62
N LEU B 87 -16.06 28.31 1.12
CA LEU B 87 -16.71 27.12 1.66
C LEU B 87 -15.88 26.44 2.76
N LEU B 88 -14.65 26.89 2.94
CA LEU B 88 -13.73 26.34 3.95
C LEU B 88 -14.29 26.48 5.37
N MET B 89 -14.10 25.44 6.19
CA MET B 89 -14.59 25.47 7.57
C MET B 89 -13.48 25.15 8.58
N LYS B 90 -13.57 25.77 9.75
CA LYS B 90 -12.66 25.47 10.87
C LYS B 90 -13.28 24.49 11.87
N SER B 91 -12.41 23.90 12.70
CA SER B 91 -12.73 23.37 14.06
C SER B 91 -13.98 22.50 14.38
N ILE B 92 -15.17 23.11 14.42
CA ILE B 92 -16.38 22.39 14.85
C ILE B 92 -17.55 22.52 13.85
N ASP B 113 -6.98 26.66 12.30
CA ASP B 113 -6.94 26.67 10.83
C ASP B 113 -8.03 25.80 10.19
N PHE B 114 -8.12 25.86 8.86
CA PHE B 114 -9.23 25.22 8.16
C PHE B 114 -9.08 23.71 8.02
N ASN B 115 -10.19 23.00 8.20
CA ASN B 115 -10.23 21.58 7.90
C ASN B 115 -10.07 21.38 6.40
N MET B 116 -9.20 20.43 6.03
CA MET B 116 -8.82 20.25 4.64
C MET B 116 -9.36 18.93 4.05
N HIS B 117 -10.33 18.31 4.72
CA HIS B 117 -10.96 17.10 4.17
C HIS B 117 -12.08 17.43 3.19
N LEU B 118 -11.67 18.04 2.09
CA LEU B 118 -12.58 18.75 1.20
C LEU B 118 -13.39 17.83 0.29
N TRP B 119 -12.86 16.65 0.02
CA TRP B 119 -13.52 15.69 -0.87
C TRP B 119 -14.82 15.10 -0.31
N LEU B 120 -15.09 15.35 0.97
CA LEU B 120 -16.37 14.95 1.56
C LEU B 120 -17.45 16.03 1.47
N SER B 121 -17.14 17.10 0.76
CA SER B 121 -18.08 18.19 0.56
C SER B 121 -18.59 18.15 -0.88
N PRO B 122 -19.88 17.83 -1.08
CA PRO B 122 -20.48 17.78 -2.42
C PRO B 122 -20.34 19.09 -3.18
N GLU B 123 -20.50 20.22 -2.49
CA GLU B 123 -20.35 21.53 -3.12
C GLU B 123 -18.91 21.76 -3.58
N ILE B 124 -17.94 21.36 -2.76
CA ILE B 124 -16.52 21.45 -3.15
C ILE B 124 -16.19 20.45 -4.27
N ALA B 125 -16.77 19.26 -4.21
CA ALA B 125 -16.66 18.29 -5.29
C ALA B 125 -17.15 18.85 -6.63
N ARG B 126 -18.24 19.62 -6.60
CA ARG B 126 -18.75 20.34 -7.78
C ARG B 126 -17.72 21.32 -8.35
N ALA B 127 -17.16 22.18 -7.47
CA ALA B 127 -16.15 23.14 -7.88
C ALA B 127 -14.91 22.44 -8.44
N THR B 128 -14.52 21.34 -7.82
CA THR B 128 -13.43 20.49 -8.30
C THR B 128 -13.71 19.96 -9.71
N ALA B 129 -14.90 19.39 -9.90
CA ALA B 129 -15.32 18.85 -11.18
C ALA B 129 -15.25 19.89 -12.30
N VAL B 130 -15.71 21.10 -11.99
CA VAL B 130 -15.74 22.21 -12.93
C VAL B 130 -14.33 22.64 -13.32
N ALA B 131 -13.46 22.73 -12.32
CA ALA B 131 -12.07 23.13 -12.53
C ALA B 131 -11.30 22.09 -13.36
N ILE B 132 -11.52 20.80 -13.06
CA ILE B 132 -10.92 19.69 -13.83
C ILE B 132 -11.40 19.74 -15.30
N HIS B 133 -12.70 19.87 -15.47
CA HIS B 133 -13.31 20.04 -16.80
C HIS B 133 -12.67 21.19 -17.57
N GLY B 134 -12.61 22.35 -16.92
CA GLY B 134 -12.00 23.54 -17.49
C GLY B 134 -10.58 23.32 -17.95
N LYS B 135 -9.77 22.65 -17.13
CA LYS B 135 -8.40 22.35 -17.51
C LYS B 135 -8.32 21.33 -18.67
N LEU B 136 -9.18 20.32 -18.66
CA LEU B 136 -9.14 19.24 -19.65
C LEU B 136 -9.73 19.62 -21.02
N VAL B 137 -10.69 20.54 -21.00
CA VAL B 137 -11.23 21.12 -22.22
C VAL B 137 -10.14 21.88 -22.96
N GLU B 138 -9.33 22.64 -22.23
CA GLU B 138 -8.20 23.33 -22.81
C GLU B 138 -7.25 22.32 -23.42
N LEU B 139 -6.74 21.41 -22.58
CA LEU B 139 -5.70 20.45 -22.96
C LEU B 139 -6.14 19.45 -24.02
N MET B 140 -7.43 19.15 -24.08
CA MET B 140 -7.96 18.20 -25.06
C MET B 140 -9.19 18.72 -25.80
N PRO B 141 -8.99 19.77 -26.63
CA PRO B 141 -10.07 20.43 -27.36
C PRO B 141 -11.00 19.48 -28.10
N GLN B 142 -10.44 18.46 -28.74
CA GLN B 142 -11.24 17.49 -29.51
C GLN B 142 -12.18 16.66 -28.65
N SER B 143 -11.87 16.57 -27.36
CA SER B 143 -12.71 15.86 -26.41
C SER B 143 -13.71 16.79 -25.71
N ARG B 144 -13.73 18.07 -26.11
CA ARG B 144 -14.66 19.06 -25.53
C ARG B 144 -16.06 18.51 -25.36
N ALA B 145 -16.62 17.95 -26.43
CA ALA B 145 -18.01 17.44 -26.43
C ALA B 145 -18.23 16.32 -25.42
N LYS B 146 -17.25 15.45 -25.27
CA LYS B 146 -17.31 14.33 -24.34
C LYS B 146 -17.14 14.85 -22.91
N LEU B 147 -16.21 15.78 -22.73
CA LEU B 147 -15.98 16.40 -21.43
C LEU B 147 -17.21 17.14 -20.91
N ASP B 148 -17.90 17.88 -21.79
CA ASP B 148 -19.14 18.59 -21.42
C ASP B 148 -20.21 17.61 -20.98
N ALA B 149 -20.34 16.51 -21.74
CA ALA B 149 -21.27 15.45 -21.44
C ALA B 149 -20.95 14.82 -20.08
N ASN B 150 -19.66 14.60 -19.82
CA ASN B 150 -19.20 14.02 -18.55
C ASN B 150 -19.50 14.93 -17.33
N LEU B 151 -19.27 16.23 -17.48
CA LEU B 151 -19.61 17.20 -16.42
C LEU B 151 -21.11 17.21 -16.13
N LYS B 152 -21.93 17.19 -17.18
CA LYS B 152 -23.38 17.20 -17.04
C LYS B 152 -23.87 15.94 -16.33
N ASP B 153 -23.34 14.78 -16.72
CA ASP B 153 -23.68 13.53 -16.06
C ASP B 153 -23.24 13.50 -14.60
N PHE B 154 -22.02 13.99 -14.30
CA PHE B 154 -21.52 14.01 -12.92
C PHE B 154 -22.43 14.87 -12.03
N GLU B 155 -22.76 16.06 -12.52
CA GLU B 155 -23.69 16.96 -11.82
CA GLU B 155 -23.68 16.96 -11.82
C GLU B 155 -25.03 16.28 -11.57
N ALA B 156 -25.57 15.64 -12.61
CA ALA B 156 -26.83 14.90 -12.52
C ALA B 156 -26.74 13.76 -11.50
N GLN B 157 -25.65 13.01 -11.55
CA GLN B 157 -25.42 11.89 -10.65
C GLN B 157 -25.31 12.39 -9.20
N LEU B 158 -24.52 13.44 -9.02
CA LEU B 158 -24.30 14.05 -7.69
C LEU B 158 -25.59 14.58 -7.05
N ALA B 159 -26.42 15.27 -7.84
CA ALA B 159 -27.67 15.81 -7.34
C ALA B 159 -28.59 14.72 -6.82
N SER B 160 -28.66 13.62 -7.56
CA SER B 160 -29.45 12.45 -7.15
CA SER B 160 -29.44 12.44 -7.16
C SER B 160 -28.92 11.84 -5.85
N THR B 161 -27.59 11.70 -5.77
CA THR B 161 -26.97 11.10 -4.57
C THR B 161 -27.17 11.98 -3.33
N GLU B 162 -27.00 13.29 -3.49
CA GLU B 162 -27.24 14.25 -2.39
C GLU B 162 -28.65 14.17 -1.80
N THR B 163 -29.64 14.11 -2.68
CA THR B 163 -31.05 13.95 -2.29
C THR B 163 -31.28 12.62 -1.57
N GLN B 164 -30.75 11.53 -2.12
CA GLN B 164 -30.85 10.22 -1.47
C GLN B 164 -30.17 10.23 -0.10
N VAL B 165 -28.90 10.62 -0.06
CA VAL B 165 -28.13 10.64 1.19
C VAL B 165 -28.75 11.58 2.25
N GLY B 166 -29.19 12.75 1.82
CA GLY B 166 -29.84 13.71 2.73
C GLY B 166 -31.08 13.11 3.40
N ASN B 167 -31.91 12.44 2.61
CA ASN B 167 -33.13 11.79 3.12
C ASN B 167 -32.87 10.55 4.01
N GLU B 168 -31.82 9.80 3.69
CA GLU B 168 -31.50 8.62 4.50
C GLU B 168 -30.84 8.97 5.83
N LEU B 169 -30.08 10.06 5.87
CA LEU B 169 -29.37 10.48 7.09
C LEU B 169 -30.14 11.43 8.00
N ALA B 170 -31.15 12.11 7.45
CA ALA B 170 -31.97 13.03 8.26
C ALA B 170 -32.54 12.40 9.54
N PRO B 171 -33.13 11.19 9.46
CA PRO B 171 -33.67 10.57 10.66
C PRO B 171 -32.63 10.25 11.73
N LEU B 172 -31.35 10.38 11.41
CA LEU B 172 -30.27 10.08 12.37
C LEU B 172 -29.79 11.32 13.16
N LYS B 173 -30.31 12.49 12.80
CA LYS B 173 -29.99 13.73 13.50
C LYS B 173 -30.26 13.59 14.99
N GLY B 174 -29.35 14.10 15.81
CA GLY B 174 -29.45 14.00 17.27
C GLY B 174 -28.93 12.69 17.87
N LYS B 175 -28.48 11.77 17.02
CA LYS B 175 -27.83 10.55 17.52
C LYS B 175 -26.32 10.81 17.58
N GLY B 176 -25.80 10.92 18.79
CA GLY B 176 -24.38 11.24 19.01
C GLY B 176 -23.45 10.05 18.79
N TYR B 177 -22.20 10.37 18.42
CA TYR B 177 -21.19 9.36 18.09
C TYR B 177 -19.84 10.05 18.08
N PHE B 178 -18.77 9.25 18.20
CA PHE B 178 -17.39 9.72 18.04
C PHE B 178 -16.78 9.09 16.80
N VAL B 179 -15.98 9.86 16.07
CA VAL B 179 -15.24 9.34 14.92
C VAL B 179 -13.79 9.26 15.32
N PHE B 180 -13.02 8.41 14.63
CA PHE B 180 -11.62 8.22 14.98
C PHE B 180 -10.76 9.46 14.72
N HIS B 181 -10.81 10.01 13.50
CA HIS B 181 -10.14 11.31 13.30
C HIS B 181 -11.04 12.35 12.61
N ASP B 182 -10.63 13.61 12.72
CA ASP B 182 -11.45 14.76 12.31
C ASP B 182 -11.52 14.93 10.79
N ALA B 183 -12.23 14.01 10.13
CA ALA B 183 -12.23 13.93 8.69
C ALA B 183 -13.58 14.24 8.02
N TYR B 184 -14.64 14.30 8.82
CA TYR B 184 -16.01 14.16 8.30
C TYR B 184 -16.87 15.42 8.33
N GLY B 185 -16.28 16.51 8.85
CA GLY B 185 -16.99 17.76 9.13
C GLY B 185 -17.82 18.35 8.00
N TYR B 186 -17.25 18.37 6.78
CA TYR B 186 -17.96 18.82 5.57
C TYR B 186 -19.17 17.96 5.21
N PHE B 187 -19.04 16.64 5.35
CA PHE B 187 -20.12 15.69 5.08
C PHE B 187 -21.21 15.83 6.13
N GLU B 188 -20.79 15.84 7.40
CA GLU B 188 -21.70 15.90 8.53
C GLU B 188 -22.47 17.20 8.54
N LYS B 189 -21.81 18.31 8.18
CA LYS B 189 -22.49 19.61 8.10
C LYS B 189 -23.55 19.63 7.00
N GLN B 190 -23.17 19.17 5.82
CA GLN B 190 -24.08 19.11 4.69
C GLN B 190 -25.33 18.26 5.01
N PHE B 191 -25.18 17.18 5.76
CA PHE B 191 -26.26 16.20 5.91
C PHE B 191 -26.93 16.14 7.28
N GLY B 192 -26.57 17.08 8.16
CA GLY B 192 -27.27 17.27 9.41
C GLY B 192 -26.88 16.33 10.52
N LEU B 193 -25.79 15.58 10.33
CA LEU B 193 -25.33 14.63 11.35
C LEU B 193 -24.76 15.39 12.56
N THR B 194 -24.87 14.79 13.74
CA THR B 194 -24.39 15.48 14.94
C THR B 194 -23.35 14.66 15.72
N PRO B 195 -22.07 14.77 15.32
CA PRO B 195 -20.99 14.09 16.00
C PRO B 195 -20.76 14.74 17.35
N LEU B 196 -20.34 13.94 18.33
CA LEU B 196 -19.96 14.47 19.62
C LEU B 196 -18.50 14.94 19.59
N GLY B 197 -17.70 14.27 18.76
CA GLY B 197 -16.28 14.59 18.65
C GLY B 197 -15.45 13.55 17.93
N HIS B 198 -14.14 13.74 17.98
CA HIS B 198 -13.18 12.82 17.37
C HIS B 198 -12.16 12.39 18.42
N PHE B 199 -11.63 11.18 18.26
CA PHE B 199 -10.54 10.67 19.11
C PHE B 199 -9.27 11.50 18.92
N THR B 200 -8.94 11.77 17.64
CA THR B 200 -7.68 12.41 17.26
C THR B 200 -7.95 13.42 16.17
N VAL B 201 -7.11 14.45 16.08
CA VAL B 201 -7.12 15.32 14.90
C VAL B 201 -6.26 14.64 13.85
N ASN B 202 -4.99 14.40 14.22
CA ASN B 202 -4.03 13.61 13.44
C ASN B 202 -4.02 12.18 13.97
N PRO B 203 -4.52 11.23 13.15
CA PRO B 203 -4.69 9.81 13.50
C PRO B 203 -3.40 9.02 13.75
N GLU B 204 -2.26 9.51 13.29
CA GLU B 204 -1.01 8.80 13.56
C GLU B 204 -0.46 9.08 14.96
N ILE B 205 -1.04 10.04 15.67
CA ILE B 205 -0.70 10.24 17.09
C ILE B 205 -1.77 9.71 18.06
N GLN B 206 -1.35 8.76 18.88
CA GLN B 206 -2.19 8.17 19.92
C GLN B 206 -2.72 9.19 20.92
N PRO B 207 -3.99 9.02 21.34
CA PRO B 207 -4.38 9.57 22.63
C PRO B 207 -3.74 8.64 23.68
N GLY B 208 -3.39 9.14 24.87
CA GLY B 208 -3.92 10.38 25.43
C GLY B 208 -4.93 9.89 26.45
N ALA B 209 -4.42 9.31 27.53
CA ALA B 209 -5.27 8.69 28.57
C ALA B 209 -6.33 9.65 29.08
N GLN B 210 -5.94 10.91 29.26
CA GLN B 210 -6.89 11.98 29.58
C GLN B 210 -8.05 12.06 28.58
N ARG B 211 -7.73 12.09 27.29
CA ARG B 211 -8.71 12.15 26.21
C ARG B 211 -9.55 10.87 26.14
N LEU B 212 -8.88 9.72 26.19
CA LEU B 212 -9.55 8.42 26.21
C LEU B 212 -10.58 8.27 27.35
N HIS B 213 -10.21 8.71 28.55
CA HIS B 213 -11.13 8.71 29.69
C HIS B 213 -12.26 9.69 29.44
N GLU B 214 -11.89 10.88 28.98
CA GLU B 214 -12.82 11.95 28.64
C GLU B 214 -13.84 11.44 27.64
N ILE B 215 -13.38 10.76 26.59
CA ILE B 215 -14.27 10.20 25.56
C ILE B 215 -15.26 9.19 26.15
N ARG B 216 -14.76 8.22 26.93
CA ARG B 216 -15.67 7.22 27.50
C ARG B 216 -16.69 7.88 28.44
N THR B 217 -16.22 8.85 29.21
CA THR B 217 -17.09 9.67 30.07
C THR B 217 -18.16 10.40 29.23
N GLN B 218 -17.70 11.13 28.20
CA GLN B 218 -18.60 11.87 27.30
C GLN B 218 -19.55 10.91 26.61
N LEU B 219 -19.03 9.73 26.25
CA LEU B 219 -19.81 8.66 25.64
C LEU B 219 -21.00 8.24 26.50
N VAL B 220 -20.77 8.07 27.80
CA VAL B 220 -21.81 7.64 28.73
C VAL B 220 -22.72 8.80 29.18
N GLU B 221 -22.10 9.94 29.50
CA GLU B 221 -22.82 11.10 30.03
C GLU B 221 -23.71 11.79 28.99
N GLN B 222 -23.36 11.64 27.72
CA GLN B 222 -24.15 12.22 26.62
C GLN B 222 -24.95 11.14 25.88
N LYS B 223 -24.85 9.89 26.35
CA LYS B 223 -25.55 8.75 25.76
C LYS B 223 -25.38 8.63 24.23
N ALA B 224 -24.11 8.50 23.81
CA ALA B 224 -23.77 8.28 22.41
C ALA B 224 -24.27 6.92 21.91
N THR B 225 -24.62 6.87 20.64
CA THR B 225 -25.11 5.66 20.00
C THR B 225 -23.96 4.80 19.46
N CYS B 226 -22.97 5.46 18.86
CA CYS B 226 -21.88 4.76 18.16
C CYS B 226 -20.49 5.33 18.44
N VAL B 227 -19.47 4.50 18.22
CA VAL B 227 -18.11 4.96 17.97
C VAL B 227 -17.66 4.34 16.65
N PHE B 228 -16.82 5.06 15.91
CA PHE B 228 -16.41 4.62 14.58
C PHE B 228 -14.88 4.47 14.45
N ALA B 229 -14.46 3.27 14.09
CA ALA B 229 -13.08 3.00 13.67
C ALA B 229 -12.92 3.38 12.19
N GLU B 230 -11.68 3.29 11.70
CA GLU B 230 -11.35 3.53 10.29
C GLU B 230 -10.41 2.42 9.82
N PRO B 231 -10.56 1.96 8.56
CA PRO B 231 -9.76 0.82 8.12
C PRO B 231 -8.25 1.09 7.99
N GLN B 232 -7.84 2.36 7.96
CA GLN B 232 -6.41 2.69 7.80
C GLN B 232 -5.65 2.57 9.13
N PHE B 233 -6.38 2.40 10.23
CA PHE B 233 -5.80 2.41 11.57
C PHE B 233 -6.28 1.26 12.43
N ARG B 234 -5.38 0.71 13.23
CA ARG B 234 -5.76 -0.34 14.18
C ARG B 234 -6.89 0.14 15.08
N PRO B 235 -8.00 -0.63 15.15
CA PRO B 235 -9.19 -0.21 15.94
C PRO B 235 -9.10 -0.40 17.46
N ALA B 236 -7.96 -0.89 17.96
CA ALA B 236 -7.81 -1.24 19.38
C ALA B 236 -8.30 -0.17 20.37
N VAL B 237 -7.83 1.07 20.21
CA VAL B 237 -8.23 2.18 21.08
C VAL B 237 -9.73 2.47 21.06
N VAL B 238 -10.35 2.34 19.89
CA VAL B 238 -11.80 2.55 19.74
C VAL B 238 -12.52 1.45 20.50
N GLU B 239 -12.15 0.20 20.23
CA GLU B 239 -12.66 -0.97 20.96
C GLU B 239 -12.54 -0.80 22.47
N SER B 240 -11.38 -0.32 22.92
CA SER B 240 -11.08 -0.15 24.33
C SER B 240 -12.02 0.84 24.98
N VAL B 241 -12.31 1.91 24.25
CA VAL B 241 -13.22 2.96 24.70
C VAL B 241 -14.65 2.43 24.84
N ALA B 242 -15.08 1.62 23.89
CA ALA B 242 -16.45 1.08 23.89
C ALA B 242 -16.65 -0.01 24.95
N ARG B 243 -15.56 -0.63 25.38
CA ARG B 243 -15.59 -1.71 26.37
C ARG B 243 -16.23 -1.26 27.68
N GLY B 244 -17.25 -2.00 28.11
CA GLY B 244 -17.93 -1.71 29.38
C GLY B 244 -19.16 -0.84 29.20
N THR B 245 -19.28 -0.23 28.03
CA THR B 245 -20.42 0.62 27.70
C THR B 245 -21.40 -0.16 26.82
N SER B 246 -22.53 0.47 26.50
CA SER B 246 -23.52 -0.12 25.61
C SER B 246 -23.43 0.49 24.20
N VAL B 247 -22.36 1.25 23.96
CA VAL B 247 -22.14 1.92 22.68
C VAL B 247 -21.84 0.91 21.57
N ARG B 248 -22.46 1.09 20.41
CA ARG B 248 -22.20 0.22 19.25
C ARG B 248 -20.90 0.64 18.54
N MET B 249 -20.29 -0.31 17.83
CA MET B 249 -19.07 -0.04 17.11
C MET B 249 -19.27 -0.13 15.60
N GLY B 250 -18.78 0.88 14.90
CA GLY B 250 -18.86 0.93 13.45
C GLY B 250 -17.53 1.29 12.83
N THR B 251 -17.53 1.45 11.51
CA THR B 251 -16.34 1.84 10.76
C THR B 251 -16.74 2.82 9.66
N LEU B 252 -15.95 3.88 9.50
CA LEU B 252 -16.08 4.82 8.38
C LEU B 252 -14.79 4.82 7.57
N ASP B 253 -14.91 4.85 6.25
CA ASP B 253 -13.73 4.99 5.40
C ASP B 253 -13.75 6.30 4.62
N PRO B 254 -12.99 7.31 5.09
CA PRO B 254 -13.02 8.61 4.44
C PRO B 254 -12.28 8.59 3.10
N LEU B 255 -11.65 7.46 2.77
CA LEU B 255 -10.92 7.33 1.50
C LEU B 255 -11.51 6.36 0.48
N GLY B 256 -12.64 5.72 0.82
CA GLY B 256 -13.36 4.86 -0.11
C GLY B 256 -12.52 3.76 -0.77
N THR B 257 -11.72 3.07 0.03
CA THR B 257 -10.69 2.15 -0.47
C THR B 257 -11.26 1.00 -1.31
N ASN B 258 -12.44 0.52 -0.91
CA ASN B 258 -13.06 -0.61 -1.58
C ASN B 258 -13.78 -0.25 -2.90
N ILE B 259 -13.81 1.04 -3.23
CA ILE B 259 -14.51 1.52 -4.44
C ILE B 259 -13.52 1.72 -5.57
N LYS B 260 -13.87 1.18 -6.74
CA LYS B 260 -13.05 1.33 -7.91
C LYS B 260 -13.31 2.65 -8.62
N LEU B 261 -12.24 3.23 -9.18
CA LEU B 261 -12.30 4.42 -10.00
C LEU B 261 -13.27 4.21 -11.16
N GLY B 262 -14.01 5.25 -11.50
CA GLY B 262 -14.94 5.15 -12.62
C GLY B 262 -15.98 6.25 -12.63
N LYS B 263 -16.76 6.26 -13.70
CA LYS B 263 -17.72 7.32 -13.95
C LYS B 263 -18.65 7.64 -12.77
N THR B 264 -19.16 6.60 -12.09
CA THR B 264 -20.07 6.83 -10.95
C THR B 264 -19.44 6.58 -9.57
N SER B 265 -18.12 6.48 -9.50
CA SER B 265 -17.40 6.19 -8.24
C SER B 265 -17.57 7.22 -7.12
N TYR B 266 -17.64 8.52 -7.45
CA TYR B 266 -17.83 9.53 -6.41
C TYR B 266 -19.19 9.41 -5.74
N SER B 267 -20.25 9.28 -6.55
CA SER B 267 -21.59 9.02 -6.03
C SER B 267 -21.64 7.74 -5.20
N GLU B 268 -21.02 6.67 -5.70
CA GLU B 268 -20.92 5.41 -4.96
C GLU B 268 -20.25 5.64 -3.60
N PHE B 269 -19.16 6.41 -3.60
CA PHE B 269 -18.42 6.77 -2.38
C PHE B 269 -19.28 7.46 -1.32
N LEU B 270 -19.98 8.53 -1.67
CA LEU B 270 -20.88 9.21 -0.73
C LEU B 270 -22.01 8.31 -0.23
N SER B 271 -22.55 7.47 -1.11
CA SER B 271 -23.58 6.52 -0.73
C SER B 271 -23.08 5.49 0.28
N GLN B 272 -21.86 5.00 0.05
CA GLN B 272 -21.25 4.03 0.93
C GLN B 272 -20.97 4.64 2.30
N LEU B 273 -20.37 5.83 2.33
CA LEU B 273 -20.12 6.51 3.60
C LEU B 273 -21.42 6.70 4.39
N ALA B 274 -22.48 7.15 3.71
CA ALA B 274 -23.80 7.29 4.34
C ALA B 274 -24.28 5.96 4.95
N ASN B 275 -24.14 4.85 4.21
CA ASN B 275 -24.55 3.53 4.69
C ASN B 275 -23.70 3.08 5.89
N GLN B 276 -22.41 3.44 5.88
CA GLN B 276 -21.52 3.16 7.04
C GLN B 276 -22.00 3.85 8.32
N TYR B 277 -22.45 5.10 8.18
CA TYR B 277 -23.08 5.83 9.28
C TYR B 277 -24.40 5.17 9.69
N ALA B 278 -25.28 4.95 8.72
CA ALA B 278 -26.63 4.40 8.94
C ALA B 278 -26.60 3.00 9.55
N SER B 279 -25.73 2.16 9.03
CA SER B 279 -25.52 0.80 9.52
C SER B 279 -25.35 0.73 11.04
N CYS B 280 -24.62 1.69 11.62
CA CYS B 280 -24.40 1.71 13.05
C CYS B 280 -25.43 2.54 13.79
N LEU B 281 -25.72 3.73 13.26
CA LEU B 281 -26.54 4.72 13.94
C LEU B 281 -28.03 4.43 13.95
N LYS B 282 -28.52 3.67 12.96
CA LYS B 282 -29.96 3.50 12.73
C LYS B 282 -30.69 2.69 13.81
N GLY B 283 -29.98 1.76 14.46
CA GLY B 283 -30.58 0.93 15.52
C GLY B 283 -31.11 1.74 16.69
ZN ZN C . 13.58 -6.74 -6.70
ZN ZN D . 20.25 -8.56 -16.98
ZN ZN E . -7.54 12.83 7.50
ZN ZN F . -10.27 18.50 17.89
#